data_9C89
#
_entry.id   9C89
#
_cell.length_a   100.956
_cell.length_b   100.956
_cell.length_c   63.669
_cell.angle_alpha   90.00
_cell.angle_beta   90.00
_cell.angle_gamma   120.00
#
_symmetry.space_group_name_H-M   'P 64'
#
loop_
_entity.id
_entity.type
_entity.pdbx_description
1 polymer 'Outer membrane lipoprotein carrier protein LolA'
2 non-polymer 'SULFATE ION'
3 non-polymer 'CHLORIDE ION'
4 non-polymer GLYCEROL
5 non-polymer 'TETRAETHYLENE GLYCOL'
6 water water
#
_entity_poly.entity_id   1
_entity_poly.type   'polypeptide(L)'
_entity_poly.pdbx_seq_one_letter_code
;MASGSSHHHHHHSSGENLYFQGHTETIKEELLSYFSAIHSFKAEFVQTSSANNDIQHGMVFMKKPGLLKWDYYPPTPASI
IMHGRTISYYDKELEEYSYSIINNPIINLLSSDIKDIKDIIFLNTSTTDSKKVITIQDQKTALLADIIFNTNPITIVGLN
IASPDSITYIKFYNIQNNITIKDTEFKHSTSYYN
;
_entity_poly.pdbx_strand_id   A
#
# COMPACT_ATOMS: atom_id res chain seq x y z
N GLY A 22 -14.70 11.39 11.58
CA GLY A 22 -15.51 11.66 12.77
C GLY A 22 -15.72 10.44 13.63
N HIS A 23 -16.93 9.88 13.60
CA HIS A 23 -17.22 8.67 14.35
C HIS A 23 -16.47 7.48 13.75
N THR A 24 -15.97 6.59 14.62
CA THR A 24 -15.00 5.59 14.21
C THR A 24 -15.64 4.49 13.35
N GLU A 25 -16.79 3.97 13.76
CA GLU A 25 -17.37 2.84 13.05
C GLU A 25 -17.90 3.23 11.67
N THR A 26 -18.40 4.46 11.53
CA THR A 26 -18.77 4.94 10.20
C THR A 26 -17.55 5.03 9.29
N ILE A 27 -16.42 5.47 9.84
CA ILE A 27 -15.19 5.51 9.06
C ILE A 27 -14.77 4.10 8.66
N LYS A 28 -14.94 3.13 9.57
CA LYS A 28 -14.65 1.75 9.23
C LYS A 28 -15.55 1.28 8.09
N GLU A 29 -16.84 1.63 8.15
CA GLU A 29 -17.75 1.28 7.06
C GLU A 29 -17.27 1.86 5.73
N GLU A 30 -16.93 3.15 5.73
CA GLU A 30 -16.51 3.79 4.48
C GLU A 30 -15.25 3.13 3.94
N LEU A 31 -14.27 2.90 4.81
CA LEU A 31 -13.02 2.30 4.35
C LEU A 31 -13.25 0.91 3.80
N LEU A 32 -14.06 0.09 4.49
CA LEU A 32 -14.28 -1.26 4.02
C LEU A 32 -15.09 -1.27 2.73
N SER A 33 -15.99 -0.30 2.53
CA SER A 33 -16.70 -0.19 1.26
C SER A 33 -15.72 0.09 0.13
N TYR A 34 -14.89 1.13 0.30
CA TYR A 34 -13.97 1.50 -0.76
C TYR A 34 -12.98 0.37 -1.05
N PHE A 35 -12.54 -0.34 -0.01
CA PHE A 35 -11.60 -1.44 -0.23
C PHE A 35 -12.27 -2.66 -0.84
N SER A 36 -13.55 -2.91 -0.52
CA SER A 36 -14.27 -3.97 -1.20
C SER A 36 -14.38 -3.69 -2.68
N ALA A 37 -14.59 -2.41 -3.05
CA ALA A 37 -14.63 -2.06 -4.46
C ALA A 37 -13.37 -2.50 -5.19
N ILE A 38 -12.23 -2.49 -4.50
CA ILE A 38 -10.93 -2.74 -5.14
C ILE A 38 -10.55 -4.20 -4.88
N HIS A 39 -10.68 -5.03 -5.91
CA HIS A 39 -10.28 -6.43 -5.80
C HIS A 39 -8.82 -6.66 -6.17
N SER A 40 -8.21 -5.71 -6.86
CA SER A 40 -6.81 -5.80 -7.29
C SER A 40 -6.48 -4.52 -8.03
N PHE A 41 -5.18 -4.26 -8.21
CA PHE A 41 -4.79 -3.17 -9.08
C PHE A 41 -3.33 -3.30 -9.47
N LYS A 42 -3.04 -2.86 -10.69
CA LYS A 42 -1.69 -2.75 -11.23
C LYS A 42 -1.47 -1.30 -11.59
N ALA A 43 -0.41 -0.68 -11.05
CA ALA A 43 -0.22 0.75 -11.24
C ALA A 43 1.25 1.09 -11.18
N GLU A 44 1.59 2.30 -11.62
CA GLU A 44 2.93 2.85 -11.40
C GLU A 44 2.89 3.71 -10.15
N PHE A 45 4.03 3.78 -9.47
CA PHE A 45 4.11 4.51 -8.22
C PHE A 45 5.35 5.39 -8.18
N VAL A 46 5.19 6.53 -7.52
CA VAL A 46 6.27 7.46 -7.21
C VAL A 46 6.29 7.65 -5.70
N GLN A 47 7.47 7.50 -5.12
CA GLN A 47 7.64 7.45 -3.67
C GLN A 47 8.75 8.41 -3.26
N THR A 48 8.50 9.16 -2.19
CA THR A 48 9.46 10.15 -1.72
C THR A 48 9.34 10.29 -0.22
N SER A 49 10.29 10.99 0.37
CA SER A 49 10.32 11.17 1.82
C SER A 49 10.85 12.55 2.17
N SER A 50 10.38 13.08 3.29
CA SER A 50 10.91 14.33 3.80
C SER A 50 12.30 14.14 4.40
N ALA A 51 12.66 12.90 4.72
CA ALA A 51 13.99 12.63 5.26
C ALA A 51 15.07 13.10 4.31
N ASN A 52 14.82 13.03 3.01
CA ASN A 52 15.82 13.34 2.00
C ASN A 52 15.15 14.11 0.87
N ASN A 53 15.88 14.26 -0.23
CA ASN A 53 15.34 14.78 -1.48
C ASN A 53 15.31 13.70 -2.55
N ASP A 54 15.39 12.43 -2.16
CA ASP A 54 15.47 11.32 -3.09
C ASP A 54 14.08 10.90 -3.54
N ILE A 55 13.97 10.62 -4.83
CA ILE A 55 12.73 10.17 -5.46
C ILE A 55 12.91 8.72 -5.89
N GLN A 56 11.81 7.97 -5.94
CA GLN A 56 11.85 6.59 -6.39
C GLN A 56 10.63 6.30 -7.24
N HIS A 57 10.83 5.50 -8.28
CA HIS A 57 9.77 5.16 -9.24
C HIS A 57 9.69 3.67 -9.41
N GLY A 58 8.50 3.17 -9.71
CA GLY A 58 8.38 1.75 -9.99
C GLY A 58 6.97 1.36 -10.36
N MET A 59 6.76 0.04 -10.34
CA MET A 59 5.45 -0.57 -10.53
C MET A 59 5.00 -1.23 -9.23
N VAL A 60 3.69 -1.34 -9.06
CA VAL A 60 3.10 -2.02 -7.92
C VAL A 60 1.93 -2.87 -8.40
N PHE A 61 1.89 -4.11 -7.92
CA PHE A 61 0.81 -5.07 -8.15
C PHE A 61 0.15 -5.39 -6.83
N MET A 62 -1.17 -5.50 -6.84
CA MET A 62 -1.93 -5.85 -5.64
C MET A 62 -3.04 -6.80 -6.00
N LYS A 63 -3.09 -7.95 -5.32
CA LYS A 63 -4.21 -8.87 -5.40
C LYS A 63 -4.77 -9.05 -4.00
N LYS A 64 -6.08 -8.81 -3.86
CA LYS A 64 -6.65 -8.50 -2.56
C LYS A 64 -6.39 -9.56 -1.49
N PRO A 65 -6.50 -10.86 -1.77
CA PRO A 65 -6.22 -11.83 -0.71
C PRO A 65 -4.74 -11.86 -0.31
N GLY A 66 -4.19 -10.70 0.08
CA GLY A 66 -2.93 -10.63 0.80
C GLY A 66 -1.68 -10.36 -0.01
N LEU A 67 -1.77 -10.27 -1.33
CA LEU A 67 -0.58 -10.28 -2.18
C LEU A 67 -0.23 -8.85 -2.59
N LEU A 68 1.02 -8.44 -2.33
CA LEU A 68 1.51 -7.15 -2.78
C LEU A 68 2.88 -7.33 -3.39
N LYS A 69 3.19 -6.56 -4.44
CA LYS A 69 4.48 -6.65 -5.10
C LYS A 69 4.91 -5.28 -5.60
N TRP A 70 6.21 -4.99 -5.47
CA TRP A 70 6.80 -3.71 -5.85
C TRP A 70 8.01 -3.96 -6.72
N ASP A 71 8.03 -3.35 -7.90
CA ASP A 71 9.21 -3.35 -8.77
C ASP A 71 9.81 -1.95 -8.70
N TYR A 72 10.99 -1.85 -8.10
CA TYR A 72 11.71 -0.59 -7.98
C TYR A 72 12.73 -0.49 -9.10
N TYR A 73 12.85 0.72 -9.64
CA TYR A 73 13.46 0.97 -10.94
C TYR A 73 14.98 1.13 -10.82
N PRO A 74 15.67 1.25 -11.95
CA PRO A 74 17.12 1.02 -11.99
C PRO A 74 17.92 1.78 -10.96
N PRO A 75 17.53 2.99 -10.55
CA PRO A 75 18.33 3.64 -9.50
C PRO A 75 18.52 2.75 -8.29
N THR A 76 17.49 2.00 -7.91
CA THR A 76 17.57 0.95 -6.89
C THR A 76 16.80 -0.25 -7.39
N PRO A 77 17.36 -1.02 -8.31
CA PRO A 77 16.59 -2.06 -9.00
C PRO A 77 16.28 -3.22 -8.08
N ALA A 78 15.00 -3.52 -7.91
CA ALA A 78 14.66 -4.57 -6.96
C ALA A 78 13.22 -5.02 -7.15
N SER A 79 12.92 -6.22 -6.64
CA SER A 79 11.57 -6.77 -6.67
C SER A 79 11.23 -7.24 -5.27
N ILE A 80 10.25 -6.61 -4.64
CA ILE A 80 9.81 -6.94 -3.29
C ILE A 80 8.42 -7.56 -3.39
N ILE A 81 8.20 -8.64 -2.65
CA ILE A 81 6.89 -9.25 -2.55
C ILE A 81 6.53 -9.32 -1.07
N MET A 82 5.33 -8.86 -0.75
CA MET A 82 4.91 -8.68 0.63
C MET A 82 3.61 -9.42 0.89
N HIS A 83 3.61 -10.20 1.97
CA HIS A 83 2.39 -10.86 2.43
C HIS A 83 2.48 -11.01 3.94
N GLY A 84 1.58 -10.34 4.66
CA GLY A 84 1.58 -10.43 6.10
C GLY A 84 2.93 -10.10 6.70
N ARG A 85 3.53 -11.09 7.36
CA ARG A 85 4.79 -10.91 8.05
C ARG A 85 6.01 -11.19 7.18
N THR A 86 5.82 -11.59 5.93
CA THR A 86 6.92 -12.05 5.08
C THR A 86 7.23 -11.02 4.01
N ILE A 87 8.52 -10.73 3.86
CA ILE A 87 9.07 -9.95 2.76
C ILE A 87 10.03 -10.85 1.98
N SER A 88 9.84 -10.91 0.67
CA SER A 88 10.73 -11.60 -0.25
C SER A 88 11.38 -10.56 -1.15
N TYR A 89 12.68 -10.36 -0.97
CA TYR A 89 13.42 -9.30 -1.64
C TYR A 89 14.36 -9.94 -2.64
N TYR A 90 14.27 -9.52 -3.90
CA TYR A 90 15.16 -9.98 -4.95
C TYR A 90 15.90 -8.75 -5.49
N ASP A 91 17.20 -8.70 -5.26
CA ASP A 91 18.06 -7.69 -5.85
C ASP A 91 18.49 -8.18 -7.23
N LYS A 92 18.07 -7.46 -8.26
CA LYS A 92 18.36 -7.85 -9.63
C LYS A 92 19.80 -7.54 -10.03
N GLU A 93 20.43 -6.56 -9.39
CA GLU A 93 21.84 -6.30 -9.65
C GLU A 93 22.70 -7.48 -9.18
N LEU A 94 22.66 -7.77 -7.89
CA LEU A 94 23.43 -8.86 -7.31
C LEU A 94 22.74 -10.21 -7.48
N GLU A 95 21.53 -10.22 -8.04
CA GLU A 95 20.76 -11.46 -8.21
C GLU A 95 20.71 -12.24 -6.90
N GLU A 96 20.26 -11.55 -5.84
CA GLU A 96 20.26 -12.12 -4.50
C GLU A 96 18.86 -12.11 -3.92
N TYR A 97 18.47 -13.24 -3.32
CA TYR A 97 17.18 -13.40 -2.66
C TYR A 97 17.33 -13.23 -1.16
N SER A 98 16.25 -12.80 -0.52
CA SER A 98 16.23 -12.62 0.93
C SER A 98 14.79 -12.79 1.42
N TYR A 99 14.57 -13.81 2.24
CA TYR A 99 13.27 -14.07 2.85
C TYR A 99 13.36 -13.68 4.31
N SER A 100 12.52 -12.74 4.73
CA SER A 100 12.61 -12.22 6.10
C SER A 100 11.22 -12.08 6.70
N ILE A 101 11.16 -12.22 8.03
CA ILE A 101 9.93 -12.07 8.79
C ILE A 101 9.87 -10.65 9.33
N ILE A 102 8.75 -9.99 9.07
CA ILE A 102 8.52 -8.60 9.45
C ILE A 102 7.13 -8.50 10.07
N ASN A 103 6.69 -7.28 10.37
CA ASN A 103 5.31 -7.03 10.76
C ASN A 103 4.59 -6.16 9.74
N ASN A 104 5.11 -4.96 9.45
CA ASN A 104 4.61 -4.02 8.46
C ASN A 104 3.10 -4.10 8.28
N PRO A 105 2.32 -3.79 9.32
CA PRO A 105 0.86 -3.90 9.20
C PRO A 105 0.25 -2.85 8.30
N ILE A 106 0.99 -1.81 7.93
CA ILE A 106 0.39 -0.63 7.32
C ILE A 106 0.37 -0.77 5.80
N ILE A 107 1.53 -0.95 5.19
CA ILE A 107 1.58 -1.04 3.73
C ILE A 107 0.72 -2.20 3.24
N ASN A 108 0.85 -3.36 3.89
CA ASN A 108 0.10 -4.54 3.47
C ASN A 108 -1.40 -4.35 3.60
N LEU A 109 -1.84 -3.31 4.32
CA LEU A 109 -3.26 -3.00 4.37
C LEU A 109 -3.84 -2.79 2.98
N LEU A 110 -3.02 -2.34 2.02
CA LEU A 110 -3.50 -2.21 0.66
C LEU A 110 -4.09 -3.53 0.17
N SER A 111 -3.40 -4.63 0.45
CA SER A 111 -3.87 -5.97 0.09
C SER A 111 -4.49 -6.63 1.33
N SER A 112 -5.65 -6.14 1.72
CA SER A 112 -6.27 -6.64 2.92
C SER A 112 -7.79 -6.58 2.83
N ASP A 113 -8.44 -7.61 3.32
CA ASP A 113 -9.88 -7.60 3.55
C ASP A 113 -10.12 -6.83 4.84
N ILE A 114 -10.71 -5.63 4.72
CA ILE A 114 -10.81 -4.73 5.86
C ILE A 114 -11.60 -5.37 6.99
N LYS A 115 -12.50 -6.29 6.67
CA LYS A 115 -13.27 -6.94 7.73
C LYS A 115 -12.36 -7.69 8.69
N ASP A 116 -11.32 -8.35 8.15
CA ASP A 116 -10.44 -9.17 8.96
C ASP A 116 -9.37 -8.36 9.70
N ILE A 117 -9.05 -7.16 9.22
CA ILE A 117 -7.90 -6.44 9.74
C ILE A 117 -8.08 -6.17 11.23
N LYS A 118 -7.02 -6.41 11.99
CA LYS A 118 -7.01 -6.20 13.43
C LYS A 118 -5.89 -5.25 13.81
N ASP A 119 -5.96 -4.74 15.04
CA ASP A 119 -4.95 -3.83 15.58
C ASP A 119 -4.85 -2.56 14.73
N ILE A 120 -5.97 -1.86 14.63
CA ILE A 120 -6.05 -0.63 13.84
C ILE A 120 -7.04 0.32 14.51
N ILE A 121 -6.74 1.61 14.46
CA ILE A 121 -7.66 2.66 14.89
C ILE A 121 -8.00 3.49 13.67
N PHE A 122 -9.29 3.77 13.49
CA PHE A 122 -9.77 4.59 12.39
C PHE A 122 -10.07 5.98 12.95
N LEU A 123 -9.22 6.95 12.60
CA LEU A 123 -9.25 8.25 13.25
C LEU A 123 -10.19 9.23 12.57
N ASN A 124 -10.03 9.46 11.27
CA ASN A 124 -10.72 10.57 10.62
C ASN A 124 -11.10 10.21 9.20
N THR A 125 -11.95 11.06 8.62
CA THR A 125 -12.39 10.94 7.24
C THR A 125 -12.62 12.34 6.72
N SER A 126 -11.73 12.83 5.85
CA SER A 126 -11.86 14.14 5.25
C SER A 126 -12.28 13.98 3.79
N THR A 127 -13.35 14.69 3.41
CA THR A 127 -13.86 14.67 2.05
C THR A 127 -13.84 16.09 1.50
N THR A 128 -13.21 16.27 0.34
CA THR A 128 -13.08 17.58 -0.27
C THR A 128 -12.53 17.40 -1.68
N ASP A 129 -13.03 18.22 -2.61
CA ASP A 129 -12.51 18.24 -3.98
C ASP A 129 -12.68 16.88 -4.66
N SER A 130 -13.87 16.30 -4.52
CA SER A 130 -14.19 15.00 -5.13
C SER A 130 -13.09 13.99 -4.85
N LYS A 131 -12.64 13.95 -3.60
CA LYS A 131 -11.49 13.14 -3.20
C LYS A 131 -11.68 12.76 -1.74
N LYS A 132 -11.34 11.52 -1.41
CA LYS A 132 -11.64 10.95 -0.10
C LYS A 132 -10.35 10.57 0.61
N VAL A 133 -10.18 11.01 1.85
CA VAL A 133 -8.98 10.73 2.62
C VAL A 133 -9.38 10.09 3.94
N ILE A 134 -8.72 8.98 4.28
CA ILE A 134 -9.02 8.20 5.48
C ILE A 134 -7.75 8.05 6.30
N THR A 135 -7.83 8.38 7.57
CA THR A 135 -6.68 8.34 8.48
C THR A 135 -6.82 7.17 9.44
N ILE A 136 -5.75 6.40 9.59
CA ILE A 136 -5.72 5.27 10.51
C ILE A 136 -4.39 5.27 11.24
N GLN A 137 -4.35 4.52 12.34
CA GLN A 137 -3.13 4.31 13.09
C GLN A 137 -2.97 2.84 13.44
N ASP A 138 -1.72 2.37 13.38
CA ASP A 138 -1.38 1.02 13.79
C ASP A 138 -1.11 1.01 15.29
N GLN A 139 -1.82 0.15 16.02
CA GLN A 139 -1.74 0.18 17.47
C GLN A 139 -0.32 -0.11 17.96
N LYS A 140 0.37 -1.05 17.31
CA LYS A 140 1.69 -1.45 17.77
C LYS A 140 2.73 -0.38 17.44
N THR A 141 2.90 -0.09 16.16
CA THR A 141 3.98 0.79 15.70
C THR A 141 3.67 2.27 15.89
N ALA A 142 2.43 2.64 16.21
CA ALA A 142 2.02 4.03 16.36
C ALA A 142 2.28 4.84 15.10
N LEU A 143 2.34 4.17 13.95
CA LEU A 143 2.52 4.84 12.67
C LEU A 143 1.17 5.25 12.12
N LEU A 144 1.10 6.46 11.59
CA LEU A 144 -0.14 6.99 11.02
C LEU A 144 -0.13 6.77 9.52
N ALA A 145 -1.31 6.52 8.96
CA ALA A 145 -1.46 6.28 7.53
C ALA A 145 -2.64 7.07 7.00
N ASP A 146 -2.41 7.84 5.94
CA ASP A 146 -3.45 8.59 5.23
C ASP A 146 -3.64 7.96 3.86
N ILE A 147 -4.86 7.52 3.57
CA ILE A 147 -5.19 6.83 2.33
C ILE A 147 -6.05 7.76 1.48
N ILE A 148 -5.65 7.98 0.24
CA ILE A 148 -6.28 8.94 -0.66
C ILE A 148 -6.91 8.18 -1.82
N PHE A 149 -8.25 8.22 -1.89
CA PHE A 149 -9.05 7.65 -2.96
C PHE A 149 -9.64 8.75 -3.84
N ASN A 150 -9.89 8.39 -5.10
CA ASN A 150 -10.74 9.17 -5.98
C ASN A 150 -12.18 8.67 -5.84
N THR A 151 -13.10 9.61 -5.63
CA THR A 151 -14.48 9.23 -5.35
C THR A 151 -15.09 8.46 -6.51
N ASN A 152 -14.94 8.96 -7.73
CA ASN A 152 -15.55 8.35 -8.90
C ASN A 152 -14.62 8.39 -10.09
N PRO A 153 -14.12 7.25 -10.58
CA PRO A 153 -14.31 5.89 -10.06
C PRO A 153 -13.53 5.66 -8.77
N ILE A 154 -13.92 4.68 -7.97
CA ILE A 154 -13.24 4.41 -6.71
C ILE A 154 -11.87 3.83 -7.01
N THR A 155 -10.82 4.60 -6.74
CA THR A 155 -9.45 4.17 -6.98
C THR A 155 -8.56 4.69 -5.88
N ILE A 156 -7.58 3.89 -5.46
CA ILE A 156 -6.60 4.30 -4.46
C ILE A 156 -5.46 5.02 -5.18
N VAL A 157 -5.38 6.34 -5.00
CA VAL A 157 -4.39 7.13 -5.70
C VAL A 157 -3.20 7.53 -4.83
N GLY A 158 -3.34 7.46 -3.51
CA GLY A 158 -2.22 7.87 -2.68
C GLY A 158 -2.20 7.20 -1.33
N LEU A 159 -1.01 7.15 -0.75
CA LEU A 159 -0.83 6.63 0.60
C LEU A 159 0.34 7.36 1.23
N ASN A 160 0.12 7.99 2.37
CA ASN A 160 1.18 8.64 3.11
C ASN A 160 1.31 7.97 4.48
N ILE A 161 2.54 7.84 4.94
CA ILE A 161 2.84 7.20 6.22
C ILE A 161 3.67 8.15 7.06
N ALA A 162 3.14 8.53 8.21
CA ALA A 162 3.70 9.59 9.02
C ALA A 162 4.07 9.09 10.41
N SER A 163 5.26 9.49 10.85
CA SER A 163 5.78 9.27 12.20
C SER A 163 6.31 10.59 12.72
N PRO A 164 6.67 10.66 14.00
CA PRO A 164 7.23 11.90 14.53
C PRO A 164 8.54 12.32 13.88
N ASP A 165 9.24 11.41 13.20
CA ASP A 165 10.56 11.70 12.66
C ASP A 165 10.56 11.90 11.15
N SER A 166 9.72 11.18 10.42
CA SER A 166 9.70 11.27 8.97
C SER A 166 8.30 11.04 8.45
N ILE A 167 8.07 11.47 7.22
CA ILE A 167 6.85 11.18 6.49
C ILE A 167 7.23 10.67 5.10
N THR A 168 6.56 9.61 4.67
CA THR A 168 6.75 9.03 3.35
C THR A 168 5.48 9.23 2.53
N TYR A 169 5.68 9.59 1.26
CA TYR A 169 4.60 9.81 0.31
C TYR A 169 4.68 8.77 -0.79
N ILE A 170 3.54 8.17 -1.13
CA ILE A 170 3.42 7.29 -2.28
C ILE A 170 2.23 7.76 -3.10
N LYS A 171 2.45 7.94 -4.40
CA LYS A 171 1.39 8.34 -5.31
C LYS A 171 1.33 7.32 -6.43
N PHE A 172 0.13 6.84 -6.73
CA PHE A 172 -0.10 5.86 -7.78
C PHE A 172 -0.75 6.53 -8.99
N TYR A 173 -0.32 6.12 -10.17
CA TYR A 173 -0.83 6.66 -11.43
C TYR A 173 -0.84 5.53 -12.46
N ASN A 174 -1.51 5.80 -13.58
CA ASN A 174 -1.75 4.79 -14.59
C ASN A 174 -2.35 3.53 -13.96
N ILE A 175 -3.37 3.75 -13.14
CA ILE A 175 -3.98 2.69 -12.35
C ILE A 175 -4.86 1.81 -13.23
N GLN A 176 -4.99 0.54 -12.84
CA GLN A 176 -5.84 -0.43 -13.54
C GLN A 176 -6.55 -1.24 -12.47
N ASN A 177 -7.77 -0.82 -12.11
CA ASN A 177 -8.51 -1.50 -11.06
C ASN A 177 -9.13 -2.79 -11.56
N ASN A 178 -9.24 -3.75 -10.65
CA ASN A 178 -10.00 -4.99 -10.89
C ASN A 178 -9.58 -5.64 -12.20
N ILE A 179 -8.28 -5.74 -12.42
CA ILE A 179 -7.74 -6.40 -13.60
C ILE A 179 -7.15 -7.74 -13.19
N THR A 180 -7.05 -8.64 -14.16
CA THR A 180 -6.59 -10.00 -13.90
C THR A 180 -5.08 -10.01 -13.69
N ILE A 181 -4.65 -10.65 -12.60
CA ILE A 181 -3.24 -10.87 -12.32
C ILE A 181 -3.11 -12.28 -11.76
N LYS A 182 -2.33 -13.12 -12.41
CA LYS A 182 -2.15 -14.49 -11.94
C LYS A 182 -1.36 -14.50 -10.64
N ASP A 183 -1.73 -15.44 -9.75
CA ASP A 183 -0.96 -15.61 -8.53
C ASP A 183 0.50 -15.95 -8.82
N THR A 184 0.78 -16.48 -10.02
CA THR A 184 2.16 -16.75 -10.41
C THR A 184 2.96 -15.47 -10.62
N GLU A 185 2.29 -14.33 -10.77
CA GLU A 185 3.00 -13.06 -10.88
C GLU A 185 3.74 -12.73 -9.58
N PHE A 186 3.11 -12.99 -8.44
CA PHE A 186 3.75 -12.74 -7.15
C PHE A 186 4.63 -13.93 -6.75
N LYS A 187 5.59 -14.24 -7.60
CA LYS A 187 6.48 -15.36 -7.32
C LYS A 187 7.70 -15.33 -8.22
N HIS A 188 8.88 -15.47 -7.62
CA HIS A 188 10.13 -15.62 -8.36
C HIS A 188 11.03 -16.60 -7.63
N SER A 189 11.88 -17.30 -8.38
CA SER A 189 12.75 -18.30 -7.79
C SER A 189 13.93 -18.53 -8.73
N THR A 190 14.97 -19.12 -8.19
CA THR A 190 16.19 -19.40 -8.96
C THR A 190 15.89 -20.43 -10.06
#